data_8I58
#
_entry.id   8I58
#
_cell.length_a   68.810
_cell.length_b   68.810
_cell.length_c   83.420
_cell.angle_alpha   90.00
_cell.angle_beta   90.00
_cell.angle_gamma   90.00
#
_symmetry.space_group_name_H-M   'P 41'
#
loop_
_entity.id
_entity.type
_entity.pdbx_description
1 polymer 'Sirohydrochlorin cobaltochelatase'
2 non-polymer '3-[(1Z,9Z)-3,8,13,18-tetrakis(2-hydroxy-2-oxoethyl)-7,12,17-tris(3-hydroxy-3-oxopropyl)-21,23-dihydroporphyrin-2-yl]propanoic acid'
3 water water
#
_entity_poly.entity_id   1
_entity_poly.type   'polypeptide(L)'
_entity_poly.pdbx_seq_one_letter_code
;MEALVLVGHGSRLPYSKELLVKLAEKVKERNLFPIVEIGLMEFSEPTIPQAVKKAIEQGAKRIIVVPVFLAHGIHTTRDI
PRLLGLIEDNHEHHHEHSHHHHHHHHHEHEKLEIPEDVEIIYREPIGADDRIVDIIIDRAFGR
;
_entity_poly.pdbx_strand_id   A,B
#
# COMPACT_ATOMS: atom_id res chain seq x y z
N MET A 1 -25.32 5.70 11.75
CA MET A 1 -26.19 5.89 10.58
C MET A 1 -25.33 5.65 9.34
N GLU A 2 -24.03 5.85 9.51
CA GLU A 2 -23.03 5.68 8.48
C GLU A 2 -21.93 4.75 8.97
N ALA A 3 -21.38 3.94 8.07
CA ALA A 3 -20.36 2.98 8.42
C ALA A 3 -19.09 3.23 7.61
N LEU A 4 -17.94 2.94 8.21
CA LEU A 4 -16.66 2.91 7.49
C LEU A 4 -16.23 1.47 7.27
N VAL A 5 -16.04 1.09 6.01
CA VAL A 5 -15.55 -0.24 5.65
C VAL A 5 -14.18 -0.13 4.98
N LEU A 6 -13.16 -0.68 5.61
CA LEU A 6 -11.82 -0.71 5.04
C LEU A 6 -11.67 -2.01 4.24
N VAL A 7 -11.29 -1.90 2.97
CA VAL A 7 -11.13 -3.08 2.14
C VAL A 7 -9.67 -3.18 1.75
N GLY A 8 -9.16 -4.41 1.80
CA GLY A 8 -7.77 -4.69 1.49
C GLY A 8 -7.64 -5.87 0.54
N HIS A 9 -6.41 -6.09 0.07
CA HIS A 9 -6.23 -7.11 -0.97
C HIS A 9 -6.48 -8.54 -0.46
N GLY A 10 -5.91 -8.90 0.69
CA GLY A 10 -5.87 -10.27 1.15
C GLY A 10 -4.64 -11.01 0.63
N SER A 11 -4.31 -12.11 1.29
CA SER A 11 -3.02 -12.73 1.05
C SER A 11 -3.13 -14.17 1.55
N ARG A 12 -2.35 -15.04 0.96
CA ARG A 12 -2.22 -16.38 1.53
C ARG A 12 -1.39 -16.36 2.81
N LEU A 13 -0.69 -15.32 3.06
CA LEU A 13 -0.01 -15.01 4.31
C LEU A 13 -0.87 -14.17 5.30
N PRO A 14 -0.53 -14.15 6.60
CA PRO A 14 -1.39 -13.48 7.58
C PRO A 14 -1.14 -11.97 7.70
N TYR A 15 -0.11 -11.42 7.02
CA TYR A 15 0.32 -10.05 7.28
C TYR A 15 -0.66 -9.01 6.78
N SER A 16 -1.32 -9.30 5.67
CA SER A 16 -2.26 -8.36 5.09
C SER A 16 -3.51 -8.12 5.96
N LYS A 17 -4.09 -9.19 6.48
CA LYS A 17 -5.28 -9.10 7.33
C LYS A 17 -4.98 -8.39 8.67
N GLU A 18 -3.88 -8.77 9.34
CA GLU A 18 -3.42 -8.11 10.57
C GLU A 18 -3.32 -6.59 10.45
N LEU A 19 -2.79 -6.13 9.30
CA LEU A 19 -2.71 -4.69 9.03
C LEU A 19 -4.10 -4.07 9.09
N LEU A 20 -5.03 -4.63 8.33
CA LEU A 20 -6.40 -4.09 8.30
C LEU A 20 -7.02 -4.12 9.70
N VAL A 21 -6.77 -5.20 10.45
CA VAL A 21 -7.30 -5.33 11.81
C VAL A 21 -6.70 -4.24 12.72
N LYS A 22 -5.38 -4.02 12.65
CA LYS A 22 -4.74 -2.95 13.43
C LYS A 22 -5.28 -1.60 13.00
N LEU A 23 -5.45 -1.42 11.69
CA LEU A 23 -5.98 -0.17 11.18
C LEU A 23 -7.41 0.08 11.67
N ALA A 24 -8.27 -0.94 11.61
CA ALA A 24 -9.63 -0.78 12.12
C ALA A 24 -9.61 -0.42 13.60
N GLU A 25 -8.77 -1.12 14.38
CA GLU A 25 -8.69 -0.81 15.80
C GLU A 25 -8.25 0.61 16.08
N LYS A 26 -7.25 1.09 15.33
CA LYS A 26 -6.81 2.47 15.53
C LYS A 26 -7.88 3.50 15.18
N VAL A 27 -8.62 3.29 14.09
CA VAL A 27 -9.71 4.19 13.68
C VAL A 27 -10.83 4.22 14.73
N LYS A 28 -11.16 3.04 15.28
CA LYS A 28 -12.19 2.91 16.32
C LYS A 28 -11.83 3.73 17.55
N GLU A 29 -10.52 3.78 17.87
CA GLU A 29 -10.08 4.53 19.03
C GLU A 29 -10.27 6.02 18.83
N ARG A 30 -10.38 6.45 17.59
CA ARG A 30 -10.61 7.85 17.29
C ARG A 30 -12.05 8.33 17.53
N ASN A 31 -13.01 7.40 17.69
CA ASN A 31 -14.45 7.69 17.85
C ASN A 31 -15.04 8.69 16.86
N LEU A 32 -14.96 8.35 15.59
CA LEU A 32 -15.50 9.15 14.48
C LEU A 32 -16.66 8.48 13.76
N PHE A 33 -16.69 7.16 13.79
CA PHE A 33 -17.68 6.40 13.04
C PHE A 33 -18.42 5.47 13.98
N PRO A 34 -19.74 5.37 13.75
CA PRO A 34 -20.57 4.45 14.55
C PRO A 34 -20.25 3.01 14.37
N ILE A 35 -19.91 2.64 13.16
CA ILE A 35 -19.71 1.28 12.70
C ILE A 35 -18.44 1.29 11.87
N VAL A 36 -17.52 0.37 12.18
CA VAL A 36 -16.28 0.20 11.43
C VAL A 36 -16.08 -1.28 11.12
N GLU A 37 -15.92 -1.61 9.83
CA GLU A 37 -15.75 -3.02 9.43
C GLU A 37 -14.62 -3.15 8.41
N ILE A 38 -14.04 -4.37 8.33
CA ILE A 38 -13.01 -4.66 7.33
C ILE A 38 -13.46 -5.80 6.41
N GLY A 39 -12.99 -5.75 5.18
CA GLY A 39 -13.19 -6.81 4.21
C GLY A 39 -11.96 -7.01 3.36
N LEU A 40 -11.73 -8.26 2.95
CA LEU A 40 -10.55 -8.63 2.18
C LEU A 40 -11.04 -9.10 0.80
N MET A 41 -10.39 -8.62 -0.26
CA MET A 41 -10.82 -8.94 -1.62
C MET A 41 -10.69 -10.45 -1.95
N GLU A 42 -9.59 -11.08 -1.50
CA GLU A 42 -9.26 -12.48 -1.80
C GLU A 42 -8.64 -13.22 -0.61
N PHE A 43 -8.74 -14.57 -0.66
CA PHE A 43 -8.04 -15.48 0.27
C PHE A 43 -8.56 -15.55 1.70
N SER A 44 -9.11 -14.47 2.21
CA SER A 44 -9.38 -14.32 3.63
C SER A 44 -10.80 -13.85 3.92
N GLU A 45 -11.19 -14.17 5.14
CA GLU A 45 -12.43 -13.69 5.70
C GLU A 45 -12.10 -12.67 6.79
N PRO A 46 -12.93 -11.64 7.00
CA PRO A 46 -14.16 -11.33 6.27
C PRO A 46 -14.01 -10.91 4.82
N THR A 47 -14.94 -11.31 3.96
CA THR A 47 -14.91 -10.94 2.56
C THR A 47 -15.54 -9.54 2.42
N ILE A 48 -15.43 -8.94 1.24
CA ILE A 48 -15.98 -7.58 1.10
C ILE A 48 -17.51 -7.60 1.20
N PRO A 49 -18.22 -8.48 0.46
CA PRO A 49 -19.68 -8.56 0.66
C PRO A 49 -20.08 -8.83 2.10
N GLN A 50 -19.33 -9.67 2.82
CA GLN A 50 -19.66 -9.92 4.22
C GLN A 50 -19.57 -8.63 5.06
N ALA A 51 -18.53 -7.80 4.86
CA ALA A 51 -18.37 -6.56 5.62
C ALA A 51 -19.50 -5.57 5.35
N VAL A 52 -19.92 -5.44 4.08
CA VAL A 52 -20.99 -4.48 3.78
C VAL A 52 -22.29 -4.92 4.47
N LYS A 53 -22.60 -6.23 4.46
CA LYS A 53 -23.81 -6.75 5.15
C LYS A 53 -23.72 -6.57 6.65
N LYS A 54 -22.54 -6.86 7.24
CA LYS A 54 -22.39 -6.66 8.68
C LYS A 54 -22.69 -5.22 9.00
N ALA A 55 -22.19 -4.30 8.18
CA ALA A 55 -22.48 -2.88 8.36
C ALA A 55 -23.97 -2.57 8.26
N ILE A 56 -24.62 -3.09 7.21
CA ILE A 56 -26.05 -2.88 6.99
C ILE A 56 -26.86 -3.40 8.18
N GLU A 57 -26.52 -4.61 8.64
CA GLU A 57 -27.23 -5.26 9.74
C GLU A 57 -27.18 -4.41 11.03
N GLN A 58 -26.07 -3.66 11.25
CA GLN A 58 -26.05 -2.80 12.43
C GLN A 58 -26.81 -1.53 12.17
N GLY A 59 -27.26 -1.31 10.94
CA GLY A 59 -28.14 -0.18 10.80
C GLY A 59 -27.51 1.01 10.13
N ALA A 60 -26.60 0.83 9.19
CA ALA A 60 -25.91 1.92 8.51
C ALA A 60 -26.74 2.19 7.30
N LYS A 61 -26.95 3.45 6.99
CA LYS A 61 -27.64 3.76 5.75
C LYS A 61 -26.69 4.30 4.69
N ARG A 62 -25.53 4.80 5.09
CA ARG A 62 -24.50 5.28 4.19
C ARG A 62 -23.22 4.51 4.50
N ILE A 63 -22.66 3.81 3.51
CA ILE A 63 -21.51 2.92 3.70
C ILE A 63 -20.33 3.52 2.95
N ILE A 64 -19.37 4.06 3.71
CA ILE A 64 -18.14 4.65 3.15
C ILE A 64 -17.11 3.52 3.01
N VAL A 65 -16.73 3.19 1.78
CA VAL A 65 -15.76 2.13 1.50
C VAL A 65 -14.44 2.79 1.09
N VAL A 66 -13.38 2.58 1.85
CA VAL A 66 -12.05 3.14 1.60
C VAL A 66 -11.10 2.04 1.14
N PRO A 67 -10.54 2.11 -0.10
CA PRO A 67 -9.56 1.12 -0.54
C PRO A 67 -8.20 1.38 0.08
N VAL A 68 -7.78 0.47 0.97
CA VAL A 68 -6.48 0.57 1.63
C VAL A 68 -5.47 -0.07 0.68
N PHE A 69 -5.19 0.65 -0.39
CA PHE A 69 -4.30 0.28 -1.46
C PHE A 69 -3.48 1.54 -1.68
N LEU A 70 -2.21 1.38 -2.05
CA LEU A 70 -1.39 2.56 -2.32
C LEU A 70 -1.79 3.24 -3.62
N ALA A 71 -1.99 2.44 -4.67
CA ALA A 71 -2.25 2.89 -6.02
C ALA A 71 -3.50 2.25 -6.63
N HIS A 72 -4.02 2.91 -7.68
CA HIS A 72 -5.06 2.28 -8.50
C HIS A 72 -4.53 1.05 -9.25
N GLY A 73 -5.42 0.08 -9.47
CA GLY A 73 -5.16 -1.09 -10.25
C GLY A 73 -6.45 -1.78 -10.64
N ILE A 74 -6.32 -2.95 -11.27
CA ILE A 74 -7.52 -3.69 -11.68
C ILE A 74 -8.44 -3.99 -10.48
N HIS A 75 -7.87 -4.33 -9.32
CA HIS A 75 -8.68 -4.54 -8.12
CA HIS A 75 -8.62 -4.51 -8.08
C HIS A 75 -9.45 -3.27 -7.73
N THR A 76 -8.77 -2.13 -7.66
CA THR A 76 -9.47 -0.93 -7.22
C THR A 76 -10.36 -0.34 -8.29
N THR A 77 -10.06 -0.59 -9.58
CA THR A 77 -10.87 -0.04 -10.67
C THR A 77 -11.98 -0.95 -11.19
N ARG A 78 -11.79 -2.27 -11.20
CA ARG A 78 -12.79 -3.19 -11.71
C ARG A 78 -13.29 -4.13 -10.63
N ASP A 79 -12.41 -4.97 -10.06
CA ASP A 79 -12.87 -6.10 -9.24
C ASP A 79 -13.66 -5.61 -8.03
N ILE A 80 -13.13 -4.60 -7.32
CA ILE A 80 -13.84 -4.15 -6.12
C ILE A 80 -15.14 -3.40 -6.39
N PRO A 81 -15.20 -2.45 -7.33
CA PRO A 81 -16.49 -1.83 -7.69
C PRO A 81 -17.52 -2.86 -8.05
N ARG A 82 -17.07 -3.96 -8.65
CA ARG A 82 -17.98 -5.04 -9.01
C ARG A 82 -18.61 -5.68 -7.79
N LEU A 83 -17.79 -6.14 -6.83
CA LEU A 83 -18.32 -6.71 -5.57
C LEU A 83 -19.36 -5.80 -4.91
N LEU A 84 -19.13 -4.50 -4.93
CA LEU A 84 -20.01 -3.49 -4.35
C LEU A 84 -21.23 -3.24 -5.21
N GLY A 85 -21.32 -3.96 -6.34
CA GLY A 85 -22.44 -3.79 -7.24
C GLY A 85 -22.45 -2.47 -7.96
N LEU A 86 -21.32 -1.78 -8.03
CA LEU A 86 -21.29 -0.46 -8.62
C LEU A 86 -21.22 -0.52 -10.14
N ILE A 87 -20.75 -1.64 -10.69
CA ILE A 87 -20.72 -1.89 -12.14
C ILE A 87 -21.38 -3.26 -12.38
N LEU A 112 -23.83 -7.75 -2.66
CA LEU A 112 -24.78 -8.14 -3.71
C LEU A 112 -26.10 -7.41 -3.53
N GLU A 113 -26.97 -7.95 -2.65
CA GLU A 113 -28.29 -7.40 -2.39
C GLU A 113 -28.13 -6.16 -1.53
N ILE A 114 -28.39 -5.01 -2.13
CA ILE A 114 -28.28 -3.69 -1.52
C ILE A 114 -29.64 -3.02 -1.25
N PRO A 115 -30.01 -2.75 0.01
CA PRO A 115 -31.28 -2.04 0.23
C PRO A 115 -31.22 -0.68 -0.45
N GLU A 116 -32.41 -0.20 -0.85
CA GLU A 116 -32.56 1.05 -1.59
C GLU A 116 -32.35 2.24 -0.66
N ASP A 117 -32.70 2.07 0.62
CA ASP A 117 -32.48 3.18 1.55
C ASP A 117 -31.02 3.29 1.93
N VAL A 118 -30.14 2.46 1.36
CA VAL A 118 -28.71 2.42 1.64
C VAL A 118 -27.90 2.80 0.39
N GLU A 119 -26.92 3.71 0.58
CA GLU A 119 -26.00 4.10 -0.49
C GLU A 119 -24.56 3.74 -0.11
N ILE A 120 -23.81 3.16 -1.06
CA ILE A 120 -22.38 2.91 -0.92
C ILE A 120 -21.59 4.05 -1.57
N ILE A 121 -20.64 4.62 -0.83
CA ILE A 121 -19.74 5.67 -1.36
C ILE A 121 -18.30 5.16 -1.35
N TYR A 122 -17.77 4.98 -2.55
CA TYR A 122 -16.48 4.36 -2.80
C TYR A 122 -15.42 5.46 -2.89
N ARG A 123 -14.47 5.43 -1.99
CA ARG A 123 -13.49 6.50 -1.82
C ARG A 123 -12.21 6.11 -2.59
N GLU A 124 -11.24 6.98 -2.56
CA GLU A 124 -9.94 6.86 -3.23
C GLU A 124 -8.85 6.09 -2.48
N PRO A 125 -7.88 5.50 -3.20
CA PRO A 125 -6.73 4.94 -2.48
C PRO A 125 -5.80 5.98 -1.89
N ILE A 126 -4.72 5.45 -1.30
CA ILE A 126 -3.81 6.27 -0.51
C ILE A 126 -3.11 7.27 -1.41
N GLY A 127 -2.53 6.78 -2.52
CA GLY A 127 -1.86 7.63 -3.49
C GLY A 127 -0.57 8.18 -2.91
N ALA A 128 0.05 9.10 -3.65
CA ALA A 128 1.39 9.64 -3.32
C ALA A 128 1.31 10.83 -2.36
N ASP A 129 0.75 10.56 -1.19
CA ASP A 129 0.57 11.53 -0.13
C ASP A 129 1.90 11.92 0.55
N ASP A 130 2.05 13.22 0.90
CA ASP A 130 3.21 13.70 1.69
C ASP A 130 3.50 12.88 2.94
N ARG A 131 2.45 12.34 3.57
CA ARG A 131 2.59 11.55 4.78
C ARG A 131 3.22 10.20 4.49
N ILE A 132 3.02 9.69 3.27
CA ILE A 132 3.74 8.51 2.80
C ILE A 132 5.23 8.77 2.62
N VAL A 133 5.61 9.93 2.06
CA VAL A 133 7.02 10.29 1.92
C VAL A 133 7.65 10.32 3.31
N ASP A 134 6.92 10.92 4.28
CA ASP A 134 7.40 10.95 5.68
C ASP A 134 7.66 9.53 6.18
N ILE A 135 6.70 8.64 5.92
CA ILE A 135 6.86 7.26 6.37
C ILE A 135 8.08 6.61 5.70
N ILE A 136 8.21 6.78 4.38
CA ILE A 136 9.30 6.18 3.59
C ILE A 136 10.67 6.59 4.13
N ILE A 137 10.81 7.87 4.50
CA ILE A 137 12.09 8.36 5.02
C ILE A 137 12.43 7.75 6.38
N ASP A 138 11.44 7.62 7.27
CA ASP A 138 11.64 6.91 8.55
C ASP A 138 12.11 5.46 8.33
N ARG A 139 11.41 4.74 7.44
CA ARG A 139 11.79 3.37 7.09
C ARG A 139 13.22 3.34 6.55
N ALA A 140 13.58 4.32 5.72
CA ALA A 140 14.95 4.38 5.20
C ALA A 140 15.98 4.44 6.31
N PHE A 141 15.64 5.08 7.44
CA PHE A 141 16.55 5.23 8.56
C PHE A 141 16.34 4.19 9.63
N GLY A 142 15.57 3.14 9.30
CA GLY A 142 15.39 2.05 10.22
C GLY A 142 14.53 2.34 11.41
N ARG A 143 13.72 3.38 11.32
CA ARG A 143 12.75 3.84 12.30
C ARG A 143 11.42 3.51 11.67
N MET B 1 27.24 8.60 -1.38
CA MET B 1 27.97 7.40 -0.97
C MET B 1 26.91 6.34 -0.66
N GLU B 2 25.68 6.80 -0.36
CA GLU B 2 24.57 5.91 -0.10
C GLU B 2 23.41 6.29 -1.02
N ALA B 3 22.64 5.29 -1.46
CA ALA B 3 21.52 5.50 -2.35
C ALA B 3 20.22 5.04 -1.70
N LEU B 4 19.11 5.69 -2.04
CA LEU B 4 17.77 5.21 -1.71
C LEU B 4 17.09 4.63 -2.95
N VAL B 5 16.69 3.37 -2.89
CA VAL B 5 15.95 2.72 -3.95
C VAL B 5 14.55 2.35 -3.47
N LEU B 6 13.54 2.96 -4.06
CA LEU B 6 12.15 2.64 -3.75
C LEU B 6 11.71 1.53 -4.69
N VAL B 7 11.21 0.43 -4.13
CA VAL B 7 10.76 -0.69 -4.95
C VAL B 7 9.26 -0.85 -4.77
N GLY B 8 8.60 -1.12 -5.91
CA GLY B 8 7.16 -1.26 -5.95
C GLY B 8 6.77 -2.53 -6.69
N HIS B 9 5.48 -2.86 -6.65
CA HIS B 9 4.98 -4.10 -7.22
C HIS B 9 5.04 -4.09 -8.76
N GLY B 10 4.59 -3.00 -9.38
CA GLY B 10 4.32 -2.93 -10.81
C GLY B 10 2.92 -3.42 -11.20
N SER B 11 2.51 -3.04 -12.41
CA SER B 11 1.13 -3.27 -12.77
C SER B 11 1.09 -3.21 -14.30
N ARG B 12 0.09 -3.87 -14.87
CA ARG B 12 -0.19 -3.70 -16.28
C ARG B 12 -0.82 -2.32 -16.51
N LEU B 13 -1.39 -1.76 -15.53
CA LEU B 13 -1.83 -0.37 -15.47
C LEU B 13 -0.69 0.66 -15.14
N PRO B 14 -0.90 1.93 -15.49
CA PRO B 14 0.17 2.92 -15.27
C PRO B 14 0.18 3.52 -13.86
N TYR B 15 -0.84 3.26 -13.03
CA TYR B 15 -0.99 4.01 -11.77
C TYR B 15 0.08 3.68 -10.75
N SER B 16 0.52 2.43 -10.73
CA SER B 16 1.51 2.02 -9.76
C SER B 16 2.86 2.69 -10.00
N LYS B 17 3.30 2.73 -11.25
CA LYS B 17 4.55 3.40 -11.57
C LYS B 17 4.47 4.91 -11.34
N GLU B 18 3.39 5.55 -11.78
CA GLU B 18 3.23 6.99 -11.53
C GLU B 18 3.39 7.32 -10.05
N LEU B 19 2.83 6.46 -9.18
CA LEU B 19 3.00 6.63 -7.74
C LEU B 19 4.47 6.63 -7.32
N LEU B 20 5.22 5.61 -7.73
CA LEU B 20 6.63 5.53 -7.33
C LEU B 20 7.42 6.72 -7.86
N VAL B 21 7.14 7.12 -9.11
CA VAL B 21 7.81 8.27 -9.73
C VAL B 21 7.52 9.54 -8.92
N LYS B 22 6.24 9.75 -8.52
CA LYS B 22 5.89 10.93 -7.74
C LYS B 22 6.54 10.88 -6.37
N LEU B 23 6.54 9.69 -5.76
CA LEU B 23 7.21 9.50 -4.47
C LEU B 23 8.70 9.82 -4.56
N ALA B 24 9.37 9.33 -5.61
CA ALA B 24 10.79 9.63 -5.73
C ALA B 24 11.03 11.13 -5.91
N GLU B 25 10.19 11.81 -6.71
CA GLU B 25 10.29 13.27 -6.86
C GLU B 25 10.17 14.02 -5.54
N LYS B 26 9.17 13.61 -4.74
CA LYS B 26 8.96 14.30 -3.46
C LYS B 26 10.13 14.06 -2.48
N VAL B 27 10.69 12.84 -2.45
CA VAL B 27 11.86 12.53 -1.61
C VAL B 27 13.09 13.35 -2.04
N LYS B 28 13.32 13.46 -3.36
CA LYS B 28 14.44 14.22 -3.91
C LYS B 28 14.41 15.68 -3.50
N GLU B 29 13.21 16.26 -3.47
CA GLU B 29 12.99 17.64 -3.04
C GLU B 29 13.38 17.89 -1.59
N ARG B 30 13.55 16.83 -0.82
CA ARG B 30 13.94 16.93 0.59
C ARG B 30 15.45 16.94 0.89
N ASN B 31 16.29 16.66 -0.10
CA ASN B 31 17.76 16.71 -0.10
C ASN B 31 18.37 15.96 1.10
N LEU B 32 18.01 14.69 1.23
CA LEU B 32 18.54 13.76 2.22
C LEU B 32 19.46 12.68 1.67
N PHE B 33 19.27 12.35 0.40
CA PHE B 33 20.00 11.27 -0.22
C PHE B 33 20.70 11.76 -1.47
N PRO B 34 21.93 11.30 -1.67
CA PRO B 34 22.67 11.70 -2.89
C PRO B 34 22.15 11.14 -4.16
N ILE B 35 21.62 9.94 -4.11
CA ILE B 35 21.14 9.15 -5.22
C ILE B 35 19.79 8.58 -4.81
N VAL B 36 18.79 8.72 -5.69
CA VAL B 36 17.45 8.16 -5.47
C VAL B 36 16.97 7.46 -6.75
N GLU B 37 16.58 6.17 -6.64
CA GLU B 37 16.13 5.42 -7.83
C GLU B 37 14.90 4.59 -7.48
N ILE B 38 14.09 4.27 -8.50
CA ILE B 38 12.93 3.40 -8.33
C ILE B 38 13.09 2.14 -9.17
N GLY B 39 12.51 1.05 -8.67
CA GLY B 39 12.42 -0.19 -9.42
C GLY B 39 11.08 -0.87 -9.17
N LEU B 40 10.62 -1.59 -10.18
CA LEU B 40 9.31 -2.21 -10.13
C LEU B 40 9.52 -3.72 -10.22
N MET B 41 8.87 -4.46 -9.33
CA MET B 41 9.02 -5.92 -9.25
C MET B 41 8.59 -6.61 -10.56
N GLU B 42 7.48 -6.17 -11.18
CA GLU B 42 6.99 -6.82 -12.38
C GLU B 42 6.36 -5.82 -13.35
N PHE B 43 6.22 -6.28 -14.61
CA PHE B 43 5.49 -5.63 -15.69
C PHE B 43 6.15 -4.36 -16.26
N SER B 44 7.08 -3.73 -15.54
CA SER B 44 7.47 -2.40 -15.98
C SER B 44 8.93 -2.14 -15.69
N GLU B 45 9.41 -1.12 -16.39
CA GLU B 45 10.77 -0.68 -16.19
C GLU B 45 10.75 0.66 -15.47
N PRO B 46 11.84 1.01 -14.76
CA PRO B 46 13.03 0.23 -14.40
C PRO B 46 12.70 -1.03 -13.58
N THR B 47 13.40 -2.15 -13.83
CA THR B 47 13.21 -3.30 -12.96
C THR B 47 13.99 -3.07 -11.66
N ILE B 48 13.80 -3.96 -10.65
CA ILE B 48 14.57 -3.81 -9.40
C ILE B 48 16.06 -3.98 -9.62
N PRO B 49 16.54 -5.02 -10.30
CA PRO B 49 17.98 -5.12 -10.62
C PRO B 49 18.57 -3.92 -11.35
N GLN B 50 17.87 -3.35 -12.35
CA GLN B 50 18.38 -2.15 -13.05
C GLN B 50 18.57 -0.94 -12.14
N ALA B 51 17.66 -0.72 -11.19
CA ALA B 51 17.72 0.40 -10.24
C ALA B 51 18.91 0.27 -9.31
N VAL B 52 19.17 -0.97 -8.84
CA VAL B 52 20.32 -1.15 -7.96
C VAL B 52 21.61 -0.86 -8.72
N LYS B 53 21.69 -1.29 -9.99
CA LYS B 53 22.90 -1.04 -10.81
C LYS B 53 23.09 0.44 -11.14
N LYS B 54 22.00 1.15 -11.49
CA LYS B 54 22.06 2.60 -11.73
C LYS B 54 22.66 3.28 -10.51
N ALA B 55 22.16 2.91 -9.34
CA ALA B 55 22.67 3.43 -8.07
C ALA B 55 24.16 3.13 -7.90
N ILE B 56 24.56 1.88 -8.14
CA ILE B 56 25.96 1.49 -8.03
C ILE B 56 26.81 2.32 -8.99
N GLU B 57 26.35 2.44 -10.25
CA GLU B 57 27.06 3.20 -11.28
C GLU B 57 27.19 4.67 -10.92
N GLN B 58 26.25 5.21 -10.10
CA GLN B 58 26.47 6.59 -9.72
C GLN B 58 27.43 6.65 -8.54
N GLY B 59 27.88 5.51 -8.03
CA GLY B 59 28.89 5.60 -7.03
C GLY B 59 28.39 5.45 -5.64
N ALA B 60 27.42 4.60 -5.39
CA ALA B 60 26.87 4.41 -4.07
C ALA B 60 27.51 3.13 -3.55
N LYS B 61 27.92 3.16 -2.29
CA LYS B 61 28.43 1.97 -1.64
C LYS B 61 27.47 1.37 -0.63
N ARG B 62 26.44 2.10 -0.24
CA ARG B 62 25.39 1.56 0.61
C ARG B 62 24.06 1.86 -0.04
N ILE B 63 23.31 0.81 -0.35
CA ILE B 63 22.05 0.90 -1.09
C ILE B 63 20.94 0.55 -0.13
N ILE B 64 20.16 1.56 0.24
CA ILE B 64 19.01 1.40 1.12
C ILE B 64 17.80 1.11 0.24
N VAL B 65 17.21 -0.08 0.37
CA VAL B 65 16.07 -0.51 -0.44
C VAL B 65 14.84 -0.47 0.46
N VAL B 66 13.86 0.37 0.15
CA VAL B 66 12.63 0.50 0.94
C VAL B 66 11.46 -0.07 0.15
N PRO B 67 10.80 -1.13 0.64
CA PRO B 67 9.61 -1.68 -0.02
C PRO B 67 8.38 -0.81 0.23
N VAL B 68 7.93 -0.14 -0.85
CA VAL B 68 6.72 0.69 -0.79
C VAL B 68 5.54 -0.26 -0.98
N PHE B 69 5.27 -1.01 0.07
CA PHE B 69 4.20 -1.98 0.17
C PHE B 69 3.58 -1.69 1.52
N LEU B 70 2.28 -1.89 1.63
CA LEU B 70 1.62 -1.66 2.91
C LEU B 70 1.98 -2.73 3.94
N ALA B 71 1.91 -3.98 3.51
CA ALA B 71 2.09 -5.16 4.34
C ALA B 71 3.13 -6.12 3.80
N HIS B 72 3.60 -7.01 4.69
CA HIS B 72 4.43 -8.13 4.21
C HIS B 72 3.62 -9.11 3.34
N GLY B 73 4.32 -9.74 2.40
CA GLY B 73 3.77 -10.82 1.61
C GLY B 73 4.87 -11.59 0.91
N ILE B 74 4.48 -12.46 -0.02
CA ILE B 74 5.48 -13.26 -0.72
C ILE B 74 6.50 -12.38 -1.48
N HIS B 75 6.08 -11.25 -2.06
CA HIS B 75 7.03 -10.34 -2.72
CA HIS B 75 6.97 -10.28 -2.70
C HIS B 75 8.04 -9.77 -1.73
N THR B 76 7.58 -9.05 -0.72
CA THR B 76 8.49 -8.53 0.27
C THR B 76 9.26 -9.57 1.06
N THR B 77 8.74 -10.80 1.17
CA THR B 77 9.43 -11.84 1.91
C THR B 77 10.34 -12.80 1.13
N ARG B 78 9.95 -13.13 -0.10
CA ARG B 78 10.70 -14.06 -0.94
C ARG B 78 11.20 -13.38 -2.21
N ASP B 79 10.25 -12.95 -3.05
CA ASP B 79 10.57 -12.57 -4.42
C ASP B 79 11.56 -11.40 -4.43
N ILE B 80 11.32 -10.37 -3.63
CA ILE B 80 12.25 -9.23 -3.64
C ILE B 80 13.62 -9.50 -3.00
N PRO B 81 13.71 -10.12 -1.82
CA PRO B 81 15.02 -10.49 -1.25
C PRO B 81 15.86 -11.26 -2.23
N ARG B 82 15.22 -12.05 -3.10
CA ARG B 82 15.97 -12.89 -4.02
C ARG B 82 16.60 -12.06 -5.13
N LEU B 83 15.85 -11.11 -5.70
CA LEU B 83 16.38 -10.20 -6.71
C LEU B 83 17.58 -9.41 -6.17
N LEU B 84 17.53 -9.06 -4.91
CA LEU B 84 18.62 -8.36 -4.23
C LEU B 84 19.75 -9.31 -3.87
N GLY B 85 19.60 -10.61 -4.19
CA GLY B 85 20.61 -11.60 -3.88
C GLY B 85 20.77 -11.88 -2.40
N LEU B 86 19.79 -11.53 -1.59
CA LEU B 86 19.89 -11.70 -0.15
C LEU B 86 19.52 -13.10 0.31
N ILE B 87 18.85 -13.86 -0.53
CA ILE B 87 18.44 -15.24 -0.31
C ILE B 87 18.78 -16.11 -1.51
N GLU B 88 19.19 -17.36 -1.26
CA GLU B 88 19.52 -18.27 -2.36
C GLU B 88 18.26 -18.68 -3.13
N GLU B 113 22.54 -10.61 -10.75
CA GLU B 113 22.78 -9.53 -9.81
C GLU B 113 24.17 -9.72 -9.24
N ILE B 114 24.96 -8.66 -9.28
CA ILE B 114 26.31 -8.76 -8.77
C ILE B 114 26.47 -7.50 -7.91
N PRO B 115 26.40 -7.69 -6.60
CA PRO B 115 26.75 -6.57 -5.71
C PRO B 115 28.26 -6.51 -5.59
N GLU B 116 28.77 -5.36 -6.01
CA GLU B 116 30.21 -5.18 -6.21
C GLU B 116 30.72 -4.64 -4.87
N ASP B 117 30.72 -5.51 -3.85
CA ASP B 117 31.39 -5.18 -2.58
C ASP B 117 30.74 -3.99 -1.86
N VAL B 118 29.51 -3.75 -2.25
CA VAL B 118 28.60 -2.68 -1.80
C VAL B 118 27.71 -3.37 -0.77
N GLU B 119 27.11 -2.60 0.15
CA GLU B 119 26.18 -3.21 1.12
C GLU B 119 24.75 -2.83 0.71
N ILE B 120 23.86 -3.84 0.56
CA ILE B 120 22.42 -3.62 0.37
C ILE B 120 21.72 -3.75 1.73
N ILE B 121 20.95 -2.72 2.08
CA ILE B 121 20.16 -2.66 3.32
C ILE B 121 18.67 -2.68 2.98
N TYR B 122 18.02 -3.77 3.33
CA TYR B 122 16.63 -4.01 2.96
C TYR B 122 15.75 -3.60 4.14
N ARG B 123 14.93 -2.57 3.94
CA ARG B 123 14.14 -1.97 4.99
C ARG B 123 12.75 -2.61 5.05
N GLU B 124 11.97 -2.13 5.88
CA GLU B 124 10.62 -2.56 6.22
C GLU B 124 9.47 -1.92 5.40
N PRO B 125 8.35 -2.62 5.22
CA PRO B 125 7.22 -1.94 4.57
C PRO B 125 6.54 -0.92 5.46
N ILE B 126 5.46 -0.35 4.93
CA ILE B 126 4.80 0.79 5.54
C ILE B 126 4.16 0.38 6.85
N GLY B 127 3.42 -0.72 6.83
CA GLY B 127 2.76 -1.25 8.02
C GLY B 127 1.65 -0.34 8.49
N ALA B 128 1.10 -0.65 9.68
CA ALA B 128 -0.08 0.06 10.23
C ALA B 128 0.33 1.31 11.03
N ASP B 129 1.01 2.20 10.32
CA ASP B 129 1.52 3.43 10.91
C ASP B 129 0.36 4.40 11.25
N ASP B 130 0.49 5.13 12.37
CA ASP B 130 -0.49 6.19 12.74
C ASP B 130 -0.78 7.17 11.61
N ARG B 131 0.20 7.41 10.73
CA ARG B 131 0.02 8.36 9.64
C ARG B 131 -0.86 7.77 8.54
N ILE B 132 -0.89 6.44 8.43
CA ILE B 132 -1.83 5.77 7.55
C ILE B 132 -3.28 5.93 8.02
N VAL B 133 -3.53 5.82 9.34
CA VAL B 133 -4.87 6.03 9.89
C VAL B 133 -5.30 7.45 9.54
N ASP B 134 -4.37 8.42 9.72
CA ASP B 134 -4.66 9.80 9.35
C ASP B 134 -5.07 9.93 7.89
N ILE B 135 -4.33 9.23 7.01
CA ILE B 135 -4.67 9.29 5.59
C ILE B 135 -6.04 8.67 5.34
N ILE B 136 -6.29 7.49 5.93
CA ILE B 136 -7.56 6.76 5.77
C ILE B 136 -8.76 7.61 6.17
N ILE B 137 -8.65 8.35 7.26
CA ILE B 137 -9.75 9.21 7.72
C ILE B 137 -10.05 10.34 6.74
N ASP B 138 -9.01 11.00 6.21
CA ASP B 138 -9.15 11.98 5.13
C ASP B 138 -9.87 11.41 3.89
N ARG B 139 -9.41 10.23 3.42
CA ARG B 139 -10.03 9.59 2.25
C ARG B 139 -11.51 9.32 2.50
N ALA B 140 -11.84 8.87 3.72
CA ALA B 140 -13.23 8.64 4.13
C ALA B 140 -14.08 9.90 3.95
N PHE B 141 -13.50 11.08 4.21
CA PHE B 141 -14.23 12.33 4.11
C PHE B 141 -14.03 13.00 2.79
N GLY B 142 -13.51 12.29 1.81
CA GLY B 142 -13.40 12.85 0.49
C GLY B 142 -12.32 13.90 0.34
N ARG B 143 -11.36 13.92 1.23
CA ARG B 143 -10.26 14.87 1.29
C ARG B 143 -9.07 13.99 1.00
#